data_4K27
#
_entry.id   4K27
#
_cell.length_a   75.078
_cell.length_b   75.078
_cell.length_c   59.900
_cell.angle_alpha   90.00
_cell.angle_beta   90.00
_cell.angle_gamma   90.00
#
_symmetry.space_group_name_H-M   'P 41 21 2'
#
loop_
_entity.id
_entity.type
_entity.pdbx_description
1 polymer 'Myotonic Dystrophy Type 2 RNA'
2 non-polymer 'MAGNESIUM ION'
3 non-polymer 'CHLORIDE ION'
4 water water
#
_entity_poly.entity_id   1
_entity_poly.type   'polyribonucleotide'
_entity_poly.pdbx_seq_one_letter_code
;GCCCCUGCCUGCCUGCAGCUAAGGAUGAAAGUCUAUGCUGCCUGCCUGCCUGGGC
;
_entity_poly.pdbx_strand_id   U
#